data_1QC0
#
_entry.id   1QC0
#
_cell.length_a   43.682
_cell.length_b   43.682
_cell.length_c   447.021
_cell.angle_alpha   90.00
_cell.angle_beta   90.00
_cell.angle_gamma   120.00
#
_symmetry.space_group_name_H-M   'H 3 2'
#
loop_
_entity.id
_entity.type
_entity.pdbx_description
1 polymer "5'-R(*UP*AP*GP*CP*GP*GP*UP*GP*C)-3'"
2 polymer "5'-R(GP*CP*AP*CP*CP*GP*CP*UP*AP*C)-3'"
3 polymer "5'-R(*GP*CP*AP*CP*CP*GP*UP*UP*GP*GP*UP*AP*GP*CP*GP*GP*UP*GP*C)-3'"
4 polymer "5'-R(*GP*CP*AP*CP*CP*GP*CP*UP*AP*CP*CP*AP*AP*CP*GP*GP*UP*GP*C)-3'"
5 non-polymer 'AMMONIUM ION'
6 water water
#
loop_
_entity_poly.entity_id
_entity_poly.type
_entity_poly.pdbx_seq_one_letter_code
_entity_poly.pdbx_strand_id
1 'polyribonucleotide' UAGCGGUGC A
2 'polyribonucleotide' GCACCGCUAC B
3 'polyribonucleotide' GCACCGUUGGUAGCGGUGC C
4 'polyribonucleotide' GCACCGCUACCAACGGUGC D
#
loop_
_chem_comp.id
_chem_comp.type
_chem_comp.name
_chem_comp.formula
A RNA linking ADENOSINE-5'-MONOPHOSPHATE 'C10 H14 N5 O7 P'
C RNA linking CYTIDINE-5'-MONOPHOSPHATE 'C9 H14 N3 O8 P'
G RNA linking GUANOSINE-5'-MONOPHOSPHATE 'C10 H14 N5 O8 P'
NH4 non-polymer 'AMMONIUM ION' 'H4 N 1'
U RNA linking URIDINE-5'-MONOPHOSPHATE 'C9 H13 N2 O9 P'
#
# COMPACT_ATOMS: atom_id res chain seq x y z
N NH4 E . -11.94 -10.33 12.42
N NH4 F . -20.69 -29.16 14.03
N NH4 G . 6.83 -28.00 6.93
N NH4 H . 3.60 23.12 9.55
N NH4 I . 16.70 34.82 -16.03
N NH4 J . 8.25 16.63 -14.46
N NH4 K . -2.76 -7.07 -12.43
#